data_3RL5
#
_entry.id   3RL5
#
_cell.length_a   98.622
_cell.length_b   69.848
_cell.length_c   47.182
_cell.angle_alpha   90.000
_cell.angle_beta   103.520
_cell.angle_gamma   90.000
#
_symmetry.space_group_name_H-M   'C 1 2 1'
#
loop_
_entity.id
_entity.type
_entity.pdbx_description
1 polymer 'Metallophosphoesterase MPPED2'
2 non-polymer 'CALCIUM ION'
3 non-polymer 'NITRATE ION'
4 non-polymer 1,2-ETHANEDIOL
5 water water
#
_entity_poly.entity_id   1
_entity_poly.type   'polypeptide(L)'
_entity_poly.pdbx_seq_one_letter_code
;GAMAHGIPSQGKVTITVDEYSSNPTQAFTHYNINQSRFQPPHVHMVDPIPYDTPKPAGHTRFVCISDTRSRTDGIQMPYG
DILLHTGDFTELGLPSEVKKFNDWLGNLPYEYKIVIAGNHELTFDKEFMADLVKQDYYRFPSVSKLKPEDFDNVQSLLTN
SIYLQDSEVTVKGFRIYGAPWTPWFNGWGFNLPRGQSLLDKWNLIPEGTDILMTHGPPLGFRDWVPKELQRVGCVELLNT
VQRRVRPKLHVFGGIHEGYGTMTDGYTTYINASTCTVSFQPTNPPIIFDLPNPQGS
;
_entity_poly.pdbx_strand_id   A
#
# COMPACT_ATOMS: atom_id res chain seq x y z
N VAL A 13 15.42 -2.18 -18.83
CA VAL A 13 15.86 -1.11 -17.90
C VAL A 13 16.28 -1.76 -16.59
N THR A 14 17.48 -1.42 -16.13
CA THR A 14 18.01 -1.89 -14.86
C THR A 14 18.05 -0.76 -13.86
N ILE A 15 17.33 -0.95 -12.75
CA ILE A 15 17.35 0.03 -11.68
C ILE A 15 18.51 -0.32 -10.74
N THR A 16 19.26 0.69 -10.34
CA THR A 16 20.30 0.47 -9.34
C THR A 16 20.05 1.39 -8.15
N VAL A 17 20.68 1.13 -7.00
CA VAL A 17 20.46 1.95 -5.81
C VAL A 17 20.85 3.39 -6.11
N ASP A 18 19.97 4.31 -5.77
CA ASP A 18 20.19 5.72 -6.03
C ASP A 18 21.26 6.29 -5.11
N GLU A 19 22.04 7.23 -5.62
CA GLU A 19 23.00 7.90 -4.73
C GLU A 19 22.32 8.59 -3.55
N TYR A 20 21.05 8.96 -3.69
CA TYR A 20 20.33 9.59 -2.59
C TYR A 20 19.37 8.65 -1.88
N SER A 21 19.55 7.36 -2.08
CA SER A 21 18.66 6.34 -1.49
C SER A 21 18.38 6.52 -0.01
N SER A 22 19.43 6.78 0.78
CA SER A 22 19.28 6.85 2.22
C SER A 22 18.71 8.17 2.72
N ASN A 23 18.54 9.14 1.84
CA ASN A 23 18.16 10.49 2.25
C ASN A 23 17.02 11.00 1.39
N PRO A 24 15.81 10.47 1.61
CA PRO A 24 14.69 10.80 0.71
C PRO A 24 14.39 12.29 0.59
N THR A 25 14.51 13.09 1.64
CA THR A 25 14.25 14.51 1.47
C THR A 25 15.26 15.15 0.51
N GLN A 26 16.52 14.76 0.64
CA GLN A 26 17.55 15.27 -0.28
C GLN A 26 17.40 14.70 -1.68
N ALA A 27 16.93 13.46 -1.78
CA ALA A 27 16.64 12.90 -3.11
C ALA A 27 15.59 13.74 -3.81
N PHE A 28 14.55 14.11 -3.07
CA PHE A 28 13.46 14.87 -3.65
C PHE A 28 14.01 16.19 -4.20
N THR A 29 14.76 16.92 -3.36
CA THR A 29 15.29 18.21 -3.79
C THR A 29 16.28 18.05 -4.95
N HIS A 30 17.14 17.04 -4.89
CA HIS A 30 18.08 16.79 -5.97
C HIS A 30 17.35 16.64 -7.31
N TYR A 31 16.37 15.74 -7.34
CA TYR A 31 15.65 15.48 -8.59
C TYR A 31 14.76 16.63 -9.00
N ASN A 32 14.23 17.37 -8.03
CA ASN A 32 13.45 18.54 -8.39
C ASN A 32 14.33 19.65 -8.98
N ILE A 33 15.48 19.91 -8.36
CA ILE A 33 16.40 20.93 -8.87
C ILE A 33 16.91 20.58 -10.25
N ASN A 34 17.32 19.33 -10.46
CA ASN A 34 17.99 19.01 -11.71
C ASN A 34 17.06 18.65 -12.83
N GLN A 35 15.95 18.01 -12.49
CA GLN A 35 15.07 17.40 -13.50
C GLN A 35 13.63 17.90 -13.41
N SER A 36 13.34 18.77 -12.44
CA SER A 36 11.97 19.22 -12.19
C SER A 36 11.03 18.01 -12.03
N ARG A 37 11.53 16.98 -11.36
CA ARG A 37 10.85 15.69 -11.33
C ARG A 37 9.50 15.74 -10.62
N PHE A 38 9.33 16.70 -9.71
CA PHE A 38 8.11 16.80 -8.94
C PHE A 38 7.36 18.10 -9.20
N GLN A 39 7.64 18.74 -10.33
CA GLN A 39 7.11 20.06 -10.67
C GLN A 39 5.87 19.96 -11.57
N PRO A 40 5.05 21.02 -11.59
CA PRO A 40 4.04 21.14 -12.64
C PRO A 40 4.76 21.37 -13.97
N PRO A 41 4.08 21.15 -15.10
CA PRO A 41 2.66 20.80 -15.22
C PRO A 41 2.34 19.31 -15.09
N HIS A 42 3.34 18.46 -15.25
CA HIS A 42 3.05 17.03 -15.32
C HIS A 42 2.76 16.39 -13.99
N VAL A 43 3.39 16.88 -12.92
CA VAL A 43 3.12 16.37 -11.58
C VAL A 43 2.16 17.29 -10.87
N HIS A 44 1.01 16.77 -10.44
CA HIS A 44 -0.02 17.57 -9.79
C HIS A 44 -1.02 16.66 -9.06
N MET A 45 -1.78 17.26 -8.15
CA MET A 45 -2.89 16.62 -7.47
C MET A 45 -4.03 16.33 -8.43
N VAL A 46 -4.77 15.27 -8.17
CA VAL A 46 -5.94 14.91 -8.98
C VAL A 46 -7.12 14.85 -8.03
N ASP A 47 -8.17 15.62 -8.31
CA ASP A 47 -9.31 15.67 -7.42
C ASP A 47 -10.08 14.35 -7.45
N PRO A 48 -10.67 13.95 -6.32
CA PRO A 48 -11.49 12.74 -6.29
C PRO A 48 -12.80 12.94 -7.04
N ILE A 49 -13.40 11.84 -7.52
CA ILE A 49 -14.73 11.89 -8.12
C ILE A 49 -15.74 11.27 -7.18
N PRO A 50 -16.98 11.83 -7.14
CA PRO A 50 -18.00 11.31 -6.25
C PRO A 50 -18.50 9.95 -6.72
N TYR A 51 -19.12 9.26 -5.80
CA TYR A 51 -19.50 7.88 -6.00
C TYR A 51 -20.60 7.69 -7.05
N ASP A 52 -21.41 8.72 -7.30
CA ASP A 52 -22.43 8.67 -8.35
C ASP A 52 -21.90 8.97 -9.76
N THR A 53 -20.59 9.18 -9.92
CA THR A 53 -20.01 9.39 -11.26
C THR A 53 -20.25 8.16 -12.11
N PRO A 54 -20.88 8.30 -13.29
CA PRO A 54 -21.04 7.13 -14.14
C PRO A 54 -19.70 6.52 -14.52
N LYS A 55 -19.61 5.20 -14.46
CA LYS A 55 -18.39 4.53 -14.88
C LYS A 55 -18.27 4.54 -16.44
N PRO A 56 -17.14 5.05 -17.01
CA PRO A 56 -17.00 5.06 -18.49
C PRO A 56 -17.16 3.66 -19.07
N ALA A 57 -17.66 3.60 -20.30
CA ALA A 57 -17.80 2.35 -21.00
C ALA A 57 -16.44 1.64 -21.10
N GLY A 58 -16.49 0.36 -20.92
CA GLY A 58 -15.29 -0.48 -21.06
C GLY A 58 -14.23 -0.24 -20.01
N HIS A 59 -14.63 0.17 -18.81
CA HIS A 59 -13.72 0.43 -17.70
C HIS A 59 -14.12 -0.41 -16.48
N THR A 60 -13.19 -0.54 -15.53
CA THR A 60 -13.42 -1.20 -14.26
C THR A 60 -13.14 -0.19 -13.15
N ARG A 61 -14.02 -0.17 -12.16
CA ARG A 61 -13.92 0.77 -11.05
C ARG A 61 -13.25 0.11 -9.85
N PHE A 62 -12.11 0.64 -9.47
CA PHE A 62 -11.32 0.18 -8.31
C PHE A 62 -11.68 1.05 -7.13
N VAL A 63 -11.94 0.40 -6.00
CA VAL A 63 -12.24 1.07 -4.75
C VAL A 63 -11.00 0.88 -3.88
N CYS A 64 -10.39 1.98 -3.50
CA CYS A 64 -9.08 1.95 -2.85
C CYS A 64 -9.20 2.40 -1.41
N ILE A 65 -8.73 1.55 -0.50
CA ILE A 65 -8.73 1.84 0.92
C ILE A 65 -7.43 1.29 1.52
N SER A 66 -7.09 1.72 2.72
CA SER A 66 -5.85 1.26 3.35
C SER A 66 -5.91 1.64 4.81
N ASP A 67 -5.16 0.95 5.66
CA ASP A 67 -4.94 1.43 7.01
C ASP A 67 -6.28 1.58 7.73
N THR A 68 -7.12 0.57 7.57
CA THR A 68 -8.42 0.55 8.23
C THR A 68 -8.31 0.07 9.68
N ARG A 69 -7.24 -0.64 10.02
CA ARG A 69 -6.80 -0.88 11.41
C ARG A 69 -7.92 -1.44 12.28
N SER A 70 -8.68 -2.38 11.72
CA SER A 70 -9.80 -3.07 12.38
C SER A 70 -11.01 -2.19 12.65
N ARG A 71 -11.03 -1.01 12.03
CA ARG A 71 -12.11 -0.03 12.20
C ARG A 71 -13.08 0.03 11.01
N THR A 72 -13.48 -1.15 10.55
CA THR A 72 -14.34 -1.29 9.37
C THR A 72 -15.84 -1.08 9.63
N ASP A 73 -16.29 -1.24 10.88
CA ASP A 73 -17.70 -1.04 11.23
C ASP A 73 -18.04 0.41 10.89
N GLY A 74 -19.04 0.62 10.07
CA GLY A 74 -19.45 1.97 9.78
C GLY A 74 -18.77 2.65 8.60
N ILE A 75 -17.79 2.01 7.95
CA ILE A 75 -17.25 2.60 6.72
C ILE A 75 -18.33 2.48 5.64
N GLN A 76 -18.66 3.61 5.02
CA GLN A 76 -19.66 3.64 3.95
C GLN A 76 -18.97 3.36 2.61
N MET A 77 -19.20 2.17 2.09
CA MET A 77 -18.45 1.69 0.93
C MET A 77 -19.21 1.96 -0.37
N PRO A 78 -18.51 2.51 -1.37
CA PRO A 78 -19.16 2.90 -2.61
C PRO A 78 -19.36 1.78 -3.61
N TYR A 79 -20.23 2.04 -4.58
CA TYR A 79 -20.28 1.17 -5.73
C TYR A 79 -18.89 1.03 -6.38
N GLY A 80 -18.56 -0.19 -6.79
CA GLY A 80 -17.38 -0.42 -7.62
C GLY A 80 -17.29 -1.87 -7.94
N ASP A 81 -16.20 -2.22 -8.61
CA ASP A 81 -15.99 -3.58 -9.11
C ASP A 81 -14.99 -4.38 -8.29
N ILE A 82 -13.84 -3.79 -7.99
CA ILE A 82 -12.74 -4.49 -7.33
C ILE A 82 -12.22 -3.62 -6.20
N LEU A 83 -12.10 -4.20 -5.02
CA LEU A 83 -11.53 -3.54 -3.88
C LEU A 83 -10.03 -3.77 -3.82
N LEU A 84 -9.27 -2.71 -3.57
CA LEU A 84 -7.83 -2.78 -3.33
C LEU A 84 -7.59 -2.26 -1.91
N HIS A 85 -7.00 -3.11 -1.06
CA HIS A 85 -6.69 -2.72 0.31
C HIS A 85 -5.18 -2.83 0.48
N THR A 86 -4.54 -1.71 0.79
CA THR A 86 -3.07 -1.67 0.82
C THR A 86 -2.42 -1.78 2.21
N GLY A 87 -3.09 -2.50 3.11
CA GLY A 87 -2.44 -3.03 4.30
C GLY A 87 -2.82 -2.30 5.57
N ASP A 88 -2.31 -2.79 6.70
CA ASP A 88 -2.73 -2.31 8.02
C ASP A 88 -4.24 -2.45 8.16
N PHE A 89 -4.72 -3.64 7.84
CA PHE A 89 -6.13 -4.00 8.07
C PHE A 89 -6.36 -4.55 9.49
N THR A 90 -5.32 -4.58 10.30
CA THR A 90 -5.41 -4.96 11.71
C THR A 90 -4.53 -4.02 12.53
N GLU A 91 -4.61 -4.14 13.85
CA GLU A 91 -3.72 -3.42 14.75
C GLU A 91 -2.43 -4.16 15.05
N LEU A 92 -2.51 -5.49 15.14
CA LEU A 92 -1.38 -6.32 15.59
C LEU A 92 -1.26 -7.60 14.77
N GLY A 93 -2.18 -7.82 13.84
CA GLY A 93 -2.20 -9.07 13.11
C GLY A 93 -2.78 -10.21 13.93
N LEU A 94 -3.51 -9.93 15.02
CA LEU A 94 -4.02 -11.05 15.78
C LEU A 94 -4.96 -11.87 14.90
N PRO A 95 -4.91 -13.20 15.01
CA PRO A 95 -5.82 -14.00 14.21
C PRO A 95 -7.31 -13.58 14.29
N SER A 96 -7.80 -13.22 15.46
CA SER A 96 -9.18 -12.74 15.55
C SER A 96 -9.44 -11.46 14.73
N GLU A 97 -8.45 -10.58 14.66
CA GLU A 97 -8.58 -9.35 13.84
C GLU A 97 -8.61 -9.71 12.36
N VAL A 98 -7.82 -10.70 11.96
CA VAL A 98 -7.79 -11.11 10.55
C VAL A 98 -9.17 -11.70 10.20
N LYS A 99 -9.71 -12.55 11.10
CA LYS A 99 -11.04 -13.11 10.88
C LYS A 99 -12.12 -12.02 10.76
N LYS A 100 -12.09 -11.05 11.67
CA LYS A 100 -13.07 -9.94 11.60
C LYS A 100 -12.99 -9.19 10.27
N PHE A 101 -11.76 -8.89 9.82
CA PHE A 101 -11.57 -8.23 8.55
C PHE A 101 -12.10 -9.07 7.40
N ASN A 102 -11.81 -10.38 7.42
CA ASN A 102 -12.30 -11.28 6.40
C ASN A 102 -13.83 -11.33 6.36
N ASP A 103 -14.46 -11.33 7.54
CA ASP A 103 -15.91 -11.30 7.62
C ASP A 103 -16.48 -10.05 6.97
N TRP A 104 -15.84 -8.92 7.26
CA TRP A 104 -16.24 -7.65 6.64
C TRP A 104 -16.13 -7.72 5.11
N LEU A 105 -15.00 -8.25 4.62
CA LEU A 105 -14.84 -8.41 3.17
C LEU A 105 -15.93 -9.24 2.55
N GLY A 106 -16.33 -10.33 3.21
CA GLY A 106 -17.32 -11.23 2.62
C GLY A 106 -18.68 -10.59 2.43
N ASN A 107 -18.96 -9.53 3.18
CA ASN A 107 -20.23 -8.80 3.05
C ASN A 107 -20.21 -7.67 2.03
N LEU A 108 -19.08 -7.44 1.38
CA LEU A 108 -18.98 -6.39 0.38
C LEU A 108 -19.31 -7.00 -1.02
N PRO A 109 -19.99 -6.25 -1.91
CA PRO A 109 -20.47 -6.88 -3.16
C PRO A 109 -19.40 -7.08 -4.24
N TYR A 110 -18.25 -6.46 -4.02
CA TYR A 110 -17.22 -6.40 -5.03
C TYR A 110 -16.88 -7.80 -5.51
N GLU A 111 -16.67 -7.92 -6.80
CA GLU A 111 -16.36 -9.21 -7.38
C GLU A 111 -15.05 -9.79 -6.81
N TYR A 112 -14.05 -8.91 -6.66
CA TYR A 112 -12.76 -9.31 -6.12
C TYR A 112 -12.35 -8.32 -5.07
N LYS A 113 -11.64 -8.81 -4.06
CA LYS A 113 -11.04 -7.98 -3.04
C LYS A 113 -9.58 -8.37 -2.94
N ILE A 114 -8.67 -7.44 -3.26
CA ILE A 114 -7.25 -7.72 -3.30
C ILE A 114 -6.62 -7.05 -2.09
N VAL A 115 -5.79 -7.80 -1.35
CA VAL A 115 -5.26 -7.32 -0.08
C VAL A 115 -3.77 -7.57 0.00
N ILE A 116 -3.04 -6.58 0.54
CA ILE A 116 -1.66 -6.80 0.97
C ILE A 116 -1.57 -6.49 2.46
N ALA A 117 -0.47 -6.92 3.08
CA ALA A 117 -0.17 -6.59 4.46
C ALA A 117 0.54 -5.26 4.58
N GLY A 118 0.53 -4.72 5.80
CA GLY A 118 1.35 -3.60 6.17
C GLY A 118 2.10 -3.84 7.46
N ASN A 119 2.62 -2.77 8.01
CA ASN A 119 3.43 -2.82 9.22
C ASN A 119 2.76 -3.41 10.42
N HIS A 120 1.44 -3.23 10.53
CA HIS A 120 0.73 -3.71 11.71
C HIS A 120 0.42 -5.19 11.65
N GLU A 121 0.59 -5.85 10.51
CA GLU A 121 0.28 -7.28 10.38
C GLU A 121 1.48 -8.10 10.86
N LEU A 122 1.77 -7.99 12.16
CA LEU A 122 3.01 -8.55 12.71
C LEU A 122 3.11 -10.04 12.50
N THR A 123 1.98 -10.73 12.66
CA THR A 123 1.93 -12.18 12.56
C THR A 123 2.19 -12.69 11.14
N PHE A 124 2.09 -11.81 10.12
CA PHE A 124 2.33 -12.19 8.73
C PHE A 124 3.84 -12.14 8.42
N ASP A 125 4.62 -11.45 9.25
CA ASP A 125 6.08 -11.30 9.03
C ASP A 125 6.78 -12.34 9.89
N LYS A 126 7.16 -13.44 9.26
CA LYS A 126 7.69 -14.57 10.02
C LYS A 126 9.03 -14.26 10.70
N GLU A 127 9.86 -13.44 10.06
CA GLU A 127 11.12 -12.96 10.69
C GLU A 127 10.87 -12.10 11.94
N PHE A 128 9.91 -11.18 11.84
CA PHE A 128 9.54 -10.39 13.00
C PHE A 128 9.07 -11.28 14.16
N MET A 129 8.22 -12.25 13.86
CA MET A 129 7.67 -13.12 14.90
C MET A 129 8.75 -13.95 15.59
N ALA A 130 9.72 -14.41 14.80
CA ALA A 130 10.80 -15.23 15.36
C ALA A 130 11.73 -14.37 16.21
N ASP A 131 11.99 -13.14 15.78
CA ASP A 131 12.83 -12.21 16.53
C ASP A 131 12.19 -11.69 17.82
N LEU A 132 10.89 -11.45 17.79
CA LEU A 132 10.20 -10.82 18.92
C LEU A 132 10.34 -11.64 20.21
N VAL A 133 10.13 -12.94 20.10
CA VAL A 133 10.11 -13.80 21.29
C VAL A 133 11.50 -14.06 21.86
N LYS A 134 12.53 -13.70 21.11
CA LYS A 134 13.92 -13.79 21.57
C LYS A 134 14.46 -12.48 22.15
N GLN A 135 13.72 -11.39 21.92
CA GLN A 135 14.14 -10.07 22.37
C GLN A 135 13.19 -9.51 23.43
N ASP A 136 12.77 -8.26 23.25
CA ASP A 136 11.85 -7.61 24.19
C ASP A 136 10.39 -8.01 23.92
N TYR A 137 10.07 -9.27 24.20
CA TYR A 137 8.75 -9.84 23.92
C TYR A 137 7.62 -9.00 24.54
N TYR A 138 7.93 -8.35 25.65
CA TYR A 138 6.95 -7.54 26.37
C TYR A 138 6.66 -6.18 25.72
N ARG A 139 7.28 -5.90 24.58
CA ARG A 139 6.90 -4.73 23.78
C ARG A 139 5.56 -4.95 23.06
N PHE A 140 5.24 -6.22 22.80
CA PHE A 140 3.98 -6.62 22.16
C PHE A 140 3.42 -7.85 22.89
N PRO A 141 2.93 -7.68 24.14
CA PRO A 141 2.56 -8.88 24.91
C PRO A 141 1.46 -9.76 24.32
N SER A 142 0.46 -9.16 23.68
CA SER A 142 -0.63 -9.96 23.09
C SER A 142 -0.12 -10.79 21.92
N VAL A 143 0.87 -10.26 21.20
CA VAL A 143 1.47 -10.96 20.05
C VAL A 143 2.43 -12.04 20.54
N SER A 144 3.22 -11.71 21.56
CA SER A 144 4.21 -12.65 22.12
C SER A 144 3.57 -13.88 22.76
N LYS A 145 2.31 -13.74 23.19
CA LYS A 145 1.56 -14.85 23.80
C LYS A 145 1.21 -15.92 22.77
N LEU A 146 1.16 -15.56 21.49
CA LEU A 146 0.72 -16.48 20.46
C LEU A 146 1.67 -17.68 20.30
N LYS A 147 1.09 -18.87 20.22
CA LYS A 147 1.86 -20.07 19.95
C LYS A 147 2.05 -20.19 18.43
N PRO A 148 3.11 -20.86 17.98
CA PRO A 148 3.32 -21.03 16.54
C PRO A 148 2.06 -21.48 15.81
N GLU A 149 1.28 -22.40 16.40
CA GLU A 149 0.06 -22.90 15.77
C GLU A 149 -1.05 -21.85 15.63
N ASP A 150 -0.97 -20.78 16.42
CA ASP A 150 -1.98 -19.73 16.35
C ASP A 150 -1.82 -18.83 15.12
N PHE A 151 -0.63 -18.74 14.56
CA PHE A 151 -0.42 -17.82 13.45
C PHE A 151 0.27 -18.44 12.23
N ASP A 152 0.40 -19.76 12.21
CA ASP A 152 0.98 -20.42 11.05
C ASP A 152 0.07 -20.31 9.82
N ASN A 153 -1.24 -20.18 10.03
CA ASN A 153 -2.23 -20.11 8.96
C ASN A 153 -2.92 -18.76 8.87
N VAL A 154 -2.25 -17.71 9.35
CA VAL A 154 -2.88 -16.42 9.39
C VAL A 154 -3.32 -15.91 8.01
N GLN A 155 -2.48 -15.96 6.98
CA GLN A 155 -2.95 -15.44 5.67
C GLN A 155 -4.11 -16.26 5.12
N SER A 156 -4.15 -17.56 5.45
CA SER A 156 -5.24 -18.44 5.01
C SER A 156 -6.60 -18.07 5.56
N LEU A 157 -6.62 -17.23 6.61
CA LEU A 157 -7.88 -16.75 7.17
C LEU A 157 -8.58 -15.77 6.24
N LEU A 158 -7.85 -15.21 5.27
CA LEU A 158 -8.40 -14.21 4.34
C LEU A 158 -9.10 -14.86 3.16
N THR A 159 -10.05 -15.74 3.46
CA THR A 159 -10.73 -16.54 2.42
C THR A 159 -11.57 -15.71 1.43
N ASN A 160 -11.97 -14.51 1.83
CA ASN A 160 -12.77 -13.66 0.97
C ASN A 160 -11.93 -12.70 0.12
N SER A 161 -10.62 -12.88 0.13
CA SER A 161 -9.70 -11.98 -0.58
C SER A 161 -8.82 -12.78 -1.49
N ILE A 162 -8.14 -12.08 -2.37
CA ILE A 162 -6.88 -12.53 -2.96
C ILE A 162 -5.76 -11.79 -2.23
N TYR A 163 -4.94 -12.52 -1.49
CA TYR A 163 -3.84 -11.94 -0.70
C TYR A 163 -2.56 -12.00 -1.52
N LEU A 164 -1.90 -10.85 -1.67
CA LEU A 164 -0.65 -10.74 -2.42
C LEU A 164 0.48 -10.41 -1.47
N GLN A 165 1.66 -11.01 -1.71
CA GLN A 165 2.82 -10.71 -0.90
C GLN A 165 4.02 -11.00 -1.76
N ASP A 166 4.64 -9.97 -2.32
CA ASP A 166 5.63 -10.15 -3.39
C ASP A 166 5.08 -11.09 -4.46
N SER A 167 3.84 -10.85 -4.87
CA SER A 167 3.16 -11.76 -5.79
C SER A 167 2.08 -11.01 -6.54
N GLU A 168 1.52 -11.68 -7.54
CA GLU A 168 0.63 -11.03 -8.47
C GLU A 168 -0.59 -11.88 -8.75
N VAL A 169 -1.58 -11.23 -9.34
CA VAL A 169 -2.78 -11.90 -9.86
C VAL A 169 -3.24 -11.16 -11.10
N THR A 170 -3.77 -11.90 -12.05
CA THR A 170 -4.43 -11.32 -13.20
C THR A 170 -5.93 -11.49 -13.00
N VAL A 171 -6.65 -10.38 -12.95
CA VAL A 171 -8.09 -10.38 -12.70
C VAL A 171 -8.76 -9.55 -13.77
N LYS A 172 -9.72 -10.15 -14.48
CA LYS A 172 -10.38 -9.42 -15.57
C LYS A 172 -9.32 -8.90 -16.56
N GLY A 173 -8.19 -9.58 -16.69
CA GLY A 173 -7.13 -9.15 -17.57
C GLY A 173 -6.17 -8.10 -16.99
N PHE A 174 -6.51 -7.52 -15.82
CA PHE A 174 -5.62 -6.56 -15.16
C PHE A 174 -4.54 -7.30 -14.40
N ARG A 175 -3.29 -6.89 -14.61
CA ARG A 175 -2.15 -7.44 -13.88
C ARG A 175 -1.89 -6.62 -12.63
N ILE A 176 -2.07 -7.25 -11.48
CA ILE A 176 -2.00 -6.57 -10.19
C ILE A 176 -0.88 -7.21 -9.37
N TYR A 177 0.07 -6.41 -8.88
CA TYR A 177 1.19 -6.91 -8.10
C TYR A 177 1.15 -6.23 -6.75
N GLY A 178 1.41 -6.99 -5.66
CA GLY A 178 1.38 -6.40 -4.34
C GLY A 178 2.54 -6.80 -3.46
N ALA A 179 2.98 -5.86 -2.61
CA ALA A 179 4.08 -6.15 -1.67
C ALA A 179 3.99 -5.22 -0.48
N PRO A 180 4.34 -5.74 0.72
CA PRO A 180 4.12 -4.99 1.97
C PRO A 180 5.27 -4.07 2.41
N TRP A 181 6.46 -4.23 1.84
CA TRP A 181 7.69 -3.73 2.47
C TRP A 181 7.80 -2.23 2.48
N THR A 182 8.30 -1.68 3.58
CA THR A 182 8.51 -0.25 3.74
C THR A 182 9.88 0.04 4.31
N PRO A 183 10.42 1.26 4.04
CA PRO A 183 11.74 1.69 4.51
C PRO A 183 11.78 2.41 5.80
N TRP A 184 10.97 2.00 6.76
CA TRP A 184 10.90 2.76 8.02
C TRP A 184 11.58 2.04 9.17
N GLY A 187 9.99 0.06 14.32
CA GLY A 187 9.91 -1.23 15.11
C GLY A 187 8.75 -2.18 14.77
N TRP A 188 8.18 -2.03 13.57
CA TRP A 188 6.98 -2.76 13.13
C TRP A 188 7.34 -3.86 12.12
N GLY A 189 6.34 -4.50 11.52
CA GLY A 189 6.56 -5.57 10.56
C GLY A 189 6.89 -5.06 9.17
N PHE A 190 7.53 -5.90 8.38
CA PHE A 190 7.78 -5.65 6.95
C PHE A 190 8.60 -4.40 6.67
N ASN A 191 9.48 -4.04 7.61
CA ASN A 191 10.44 -2.96 7.37
C ASN A 191 11.76 -3.52 6.92
N LEU A 192 12.35 -2.87 5.92
CA LEU A 192 13.68 -3.22 5.46
C LEU A 192 14.52 -1.97 5.34
N PRO A 193 15.86 -2.09 5.43
CA PRO A 193 16.72 -0.93 5.24
C PRO A 193 16.58 -0.37 3.82
N ARG A 194 16.69 0.96 3.73
CA ARG A 194 16.74 1.59 2.43
C ARG A 194 17.89 1.04 1.60
N GLY A 195 17.73 1.06 0.28
CA GLY A 195 18.79 0.67 -0.64
C GLY A 195 18.53 -0.70 -1.20
N GLN A 196 19.57 -1.51 -1.27
CA GLN A 196 19.50 -2.79 -1.94
C GLN A 196 18.49 -3.75 -1.32
N SER A 197 18.30 -3.70 -0.01
CA SER A 197 17.32 -4.61 0.59
C SER A 197 15.92 -4.41 -0.01
N LEU A 198 15.52 -3.16 -0.20
CA LEU A 198 14.23 -2.87 -0.80
C LEU A 198 14.26 -3.02 -2.32
N LEU A 199 15.35 -2.63 -2.96
CA LEU A 199 15.44 -2.82 -4.40
C LEU A 199 15.29 -4.30 -4.78
N ASP A 200 15.83 -5.19 -3.95
CA ASP A 200 15.64 -6.60 -4.21
C ASP A 200 14.17 -7.00 -4.28
N LYS A 201 13.35 -6.37 -3.44
CA LYS A 201 11.89 -6.58 -3.50
C LYS A 201 11.28 -5.94 -4.74
N TRP A 202 11.70 -4.71 -5.07
CA TRP A 202 11.06 -4.02 -6.18
C TRP A 202 11.45 -4.62 -7.53
N ASN A 203 12.64 -5.23 -7.58
CA ASN A 203 13.08 -5.95 -8.77
C ASN A 203 12.16 -7.13 -9.12
N LEU A 204 11.34 -7.57 -8.17
CA LEU A 204 10.37 -8.65 -8.43
C LEU A 204 9.12 -8.17 -9.14
N ILE A 205 8.87 -6.87 -9.15
CA ILE A 205 7.68 -6.35 -9.81
C ILE A 205 7.85 -6.51 -11.33
N PRO A 206 6.94 -7.21 -12.01
CA PRO A 206 7.16 -7.43 -13.45
C PRO A 206 6.80 -6.24 -14.32
N GLU A 207 7.54 -6.10 -15.40
CA GLU A 207 7.09 -5.24 -16.47
C GLU A 207 5.73 -5.75 -16.95
N GLY A 208 4.82 -4.86 -17.29
CA GLY A 208 3.48 -5.27 -17.70
C GLY A 208 2.46 -5.18 -16.56
N THR A 209 2.92 -4.99 -15.32
CA THR A 209 1.99 -4.72 -14.20
C THR A 209 1.14 -3.49 -14.50
N ASP A 210 -0.19 -3.61 -14.36
CA ASP A 210 -1.10 -2.49 -14.56
C ASP A 210 -1.29 -1.70 -13.28
N ILE A 211 -1.42 -2.43 -12.15
CA ILE A 211 -1.71 -1.85 -10.85
C ILE A 211 -0.69 -2.41 -9.86
N LEU A 212 0.06 -1.50 -9.23
CA LEU A 212 0.98 -1.84 -8.18
C LEU A 212 0.39 -1.45 -6.83
N MET A 213 0.37 -2.39 -5.89
CA MET A 213 -0.03 -2.15 -4.52
C MET A 213 1.19 -2.28 -3.63
N THR A 214 1.52 -1.22 -2.90
CA THR A 214 2.54 -1.33 -1.86
C THR A 214 1.98 -0.73 -0.59
N HIS A 215 2.54 -1.10 0.56
CA HIS A 215 1.93 -0.55 1.77
C HIS A 215 2.24 0.94 1.91
N GLY A 216 3.42 1.38 1.48
CA GLY A 216 3.81 2.78 1.62
C GLY A 216 4.11 3.45 0.29
N PRO A 217 4.36 4.76 0.35
CA PRO A 217 4.57 5.53 -0.87
C PRO A 217 5.94 5.38 -1.51
N PRO A 218 6.01 5.74 -2.81
CA PRO A 218 7.30 6.00 -3.44
C PRO A 218 7.73 7.44 -3.07
N LEU A 219 9.03 7.71 -3.18
CA LEU A 219 9.52 9.05 -2.96
C LEU A 219 8.71 10.10 -3.69
N GLY A 220 8.31 11.14 -2.97
CA GLY A 220 7.76 12.33 -3.59
C GLY A 220 6.28 12.35 -3.91
N PHE A 221 5.60 11.23 -3.75
CA PHE A 221 4.15 11.16 -4.03
C PHE A 221 3.41 10.80 -2.76
N ARG A 222 2.89 11.83 -2.10
CA ARG A 222 2.03 11.68 -0.92
C ARG A 222 2.76 11.06 0.25
N ASP A 223 4.04 11.44 0.38
CA ASP A 223 4.95 10.86 1.39
C ASP A 223 5.59 11.93 2.30
N TRP A 224 5.03 13.13 2.31
CA TRP A 224 5.48 14.19 3.22
C TRP A 224 4.87 13.98 4.60
N VAL A 225 5.73 14.01 5.64
CA VAL A 225 5.30 13.85 7.02
C VAL A 225 5.52 15.21 7.72
N PRO A 226 4.42 16.00 7.85
CA PRO A 226 4.48 17.35 8.42
C PRO A 226 5.20 17.42 9.78
N LYS A 227 4.90 16.49 10.69
CA LYS A 227 5.46 16.60 12.04
C LYS A 227 6.98 16.42 12.02
N GLU A 228 7.47 15.75 11.00
CA GLU A 228 8.89 15.46 10.90
C GLU A 228 9.60 16.35 9.87
N LEU A 229 8.83 17.15 9.13
CA LEU A 229 9.33 17.93 7.99
C LEU A 229 10.30 17.14 7.09
N GLN A 230 9.87 15.95 6.68
CA GLN A 230 10.68 15.10 5.82
C GLN A 230 9.80 14.29 4.87
N ARG A 231 10.41 13.95 3.74
CA ARG A 231 9.90 12.91 2.83
C ARG A 231 10.29 11.55 3.37
N VAL A 232 9.41 10.57 3.21
CA VAL A 232 9.71 9.23 3.70
C VAL A 232 9.53 8.12 2.67
N GLY A 233 9.09 8.46 1.45
CA GLY A 233 8.90 7.43 0.44
C GLY A 233 10.20 6.77 0.01
N CYS A 234 10.07 5.60 -0.59
CA CYS A 234 11.22 4.83 -1.03
C CYS A 234 11.72 5.33 -2.38
N VAL A 235 13.01 5.68 -2.43
CA VAL A 235 13.62 6.18 -3.65
C VAL A 235 13.72 5.10 -4.73
N GLU A 236 14.07 3.89 -4.30
CA GLU A 236 14.19 2.76 -5.23
C GLU A 236 12.80 2.41 -5.82
N LEU A 237 11.75 2.55 -5.02
CA LEU A 237 10.41 2.28 -5.53
C LEU A 237 10.01 3.33 -6.56
N LEU A 238 10.29 4.61 -6.30
CA LEU A 238 9.98 5.61 -7.29
C LEU A 238 10.71 5.35 -8.62
N ASN A 239 12.02 5.07 -8.53
CA ASN A 239 12.77 4.83 -9.76
C ASN A 239 12.23 3.61 -10.50
N THR A 240 11.85 2.57 -9.76
CA THR A 240 11.27 1.37 -10.37
C THR A 240 9.94 1.69 -11.08
N VAL A 241 9.05 2.39 -10.39
CA VAL A 241 7.74 2.73 -10.93
C VAL A 241 7.85 3.60 -12.18
N GLN A 242 8.65 4.68 -12.13
CA GLN A 242 8.68 5.61 -13.26
C GLN A 242 9.56 5.14 -14.43
N ARG A 243 10.63 4.44 -14.13
CA ARG A 243 11.64 4.15 -15.17
C ARG A 243 11.53 2.74 -15.73
N ARG A 244 11.06 1.77 -14.95
CA ARG A 244 11.05 0.39 -15.40
C ARG A 244 9.64 -0.16 -15.61
N VAL A 245 8.82 -0.14 -14.57
CA VAL A 245 7.52 -0.81 -14.60
C VAL A 245 6.44 0.03 -15.28
N ARG A 246 6.30 1.28 -14.85
CA ARG A 246 5.28 2.21 -15.39
C ARG A 246 3.87 1.61 -15.33
N PRO A 247 3.41 1.25 -14.12
CA PRO A 247 2.01 0.84 -13.99
C PRO A 247 1.12 2.05 -14.24
N LYS A 248 -0.14 1.80 -14.57
CA LYS A 248 -1.09 2.89 -14.66
C LYS A 248 -1.51 3.42 -13.31
N LEU A 249 -1.48 2.55 -12.30
CA LEU A 249 -1.93 2.92 -10.95
C LEU A 249 -0.94 2.37 -9.95
N HIS A 250 -0.52 3.23 -9.01
CA HIS A 250 0.24 2.81 -7.86
C HIS A 250 -0.57 3.25 -6.65
N VAL A 251 -1.07 2.27 -5.89
CA VAL A 251 -1.91 2.54 -4.72
C VAL A 251 -1.16 2.09 -3.48
N PHE A 252 -1.32 2.85 -2.39
CA PHE A 252 -0.57 2.60 -1.17
C PHE A 252 -1.25 3.36 -0.04
N GLY A 253 -0.73 3.22 1.18
CA GLY A 253 -1.22 3.98 2.31
C GLY A 253 -0.06 4.35 3.22
N GLY A 254 -0.19 4.00 4.50
CA GLY A 254 0.90 4.14 5.48
C GLY A 254 1.05 5.54 6.03
N ILE A 255 1.23 6.52 5.15
CA ILE A 255 1.42 7.92 5.55
C ILE A 255 0.06 8.60 5.51
N HIS A 256 -0.60 8.66 6.66
CA HIS A 256 -2.01 9.03 6.68
C HIS A 256 -2.23 10.47 6.24
N GLU A 257 -1.26 11.34 6.56
CA GLU A 257 -1.30 12.74 6.19
C GLU A 257 -1.36 12.92 4.68
N GLY A 258 -0.92 11.92 3.92
CA GLY A 258 -0.86 12.04 2.48
C GLY A 258 -2.08 11.51 1.75
N TYR A 259 -3.13 11.13 2.47
CA TYR A 259 -4.39 10.69 1.83
C TYR A 259 -4.71 11.59 0.65
N GLY A 260 -4.98 11.00 -0.51
CA GLY A 260 -5.27 11.74 -1.73
C GLY A 260 -4.47 11.22 -2.90
N THR A 261 -4.61 11.89 -4.03
CA THR A 261 -4.15 11.35 -5.30
C THR A 261 -3.34 12.34 -6.10
N MET A 262 -2.29 11.85 -6.77
CA MET A 262 -1.47 12.65 -7.68
C MET A 262 -1.27 11.90 -8.97
N THR A 263 -0.77 12.59 -9.98
CA THR A 263 -0.28 11.97 -11.19
C THR A 263 1.10 12.51 -11.52
N ASP A 264 1.86 11.74 -12.30
CA ASP A 264 3.08 12.23 -12.91
C ASP A 264 2.92 12.42 -14.41
N GLY A 265 1.69 12.28 -14.90
CA GLY A 265 1.44 12.37 -16.34
C GLY A 265 1.22 11.03 -16.99
N TYR A 266 1.65 9.95 -16.31
CA TYR A 266 1.40 8.60 -16.81
C TYR A 266 0.79 7.72 -15.73
N THR A 267 1.46 7.61 -14.59
CA THR A 267 1.00 6.83 -13.44
C THR A 267 0.16 7.73 -12.55
N THR A 268 -0.94 7.16 -12.03
CA THR A 268 -1.71 7.78 -10.96
C THR A 268 -1.27 7.14 -9.65
N TYR A 269 -1.02 7.97 -8.64
CA TYR A 269 -0.57 7.55 -7.31
C TYR A 269 -1.69 7.86 -6.33
N ILE A 270 -2.23 6.82 -5.69
CA ILE A 270 -3.32 6.99 -4.74
C ILE A 270 -2.84 6.58 -3.37
N ASN A 271 -2.82 7.55 -2.45
CA ASN A 271 -2.61 7.26 -1.03
C ASN A 271 -4.01 7.11 -0.44
N ALA A 272 -4.38 5.87 -0.14
CA ALA A 272 -5.74 5.51 0.22
C ALA A 272 -5.93 5.40 1.73
N SER A 273 -5.03 5.96 2.53
CA SER A 273 -5.13 5.84 3.99
C SER A 273 -6.52 6.24 4.51
N THR A 274 -7.23 5.29 5.11
CA THR A 274 -8.62 5.49 5.56
C THR A 274 -8.62 6.19 6.92
N CYS A 275 -7.69 5.81 7.78
CA CYS A 275 -7.56 6.38 9.10
C CYS A 275 -6.76 7.67 9.03
N THR A 276 -7.13 8.61 9.90
CA THR A 276 -6.51 9.93 9.96
C THR A 276 -5.53 9.94 11.13
N VAL A 277 -4.83 11.07 11.28
CA VAL A 277 -3.94 11.28 12.44
C VAL A 277 -4.71 11.34 13.76
N SER A 278 -6.03 11.48 13.67
CA SER A 278 -6.90 11.45 14.85
C SER A 278 -7.42 10.05 15.18
N PHE A 279 -6.92 9.02 14.46
CA PHE A 279 -7.21 7.60 14.74
C PHE A 279 -8.66 7.19 14.47
N GLN A 280 -9.26 7.85 13.48
CA GLN A 280 -10.62 7.53 13.08
C GLN A 280 -10.70 7.26 11.58
N PRO A 281 -11.51 6.28 11.18
CA PRO A 281 -11.55 5.86 9.77
C PRO A 281 -12.45 6.75 8.90
N THR A 282 -12.17 8.04 8.87
CA THR A 282 -13.09 8.99 8.27
C THR A 282 -12.74 9.40 6.83
N ASN A 283 -11.55 9.04 6.32
CA ASN A 283 -11.22 9.43 4.94
C ASN A 283 -12.00 8.53 4.01
N PRO A 284 -12.78 9.10 3.08
CA PRO A 284 -13.62 8.26 2.23
C PRO A 284 -12.82 7.35 1.29
N PRO A 285 -13.30 6.14 1.04
CA PRO A 285 -12.70 5.30 0.00
C PRO A 285 -12.53 6.07 -1.28
N ILE A 286 -11.46 5.83 -2.01
CA ILE A 286 -11.19 6.55 -3.26
C ILE A 286 -11.51 5.62 -4.43
N ILE A 287 -12.37 6.09 -5.34
CA ILE A 287 -12.66 5.31 -6.55
C ILE A 287 -11.82 5.77 -7.72
N PHE A 288 -11.45 4.82 -8.57
CA PHE A 288 -10.61 5.12 -9.70
C PHE A 288 -10.95 4.15 -10.82
N ASP A 289 -11.22 4.68 -12.02
CA ASP A 289 -11.63 3.87 -13.15
C ASP A 289 -10.44 3.65 -14.09
N LEU A 290 -10.26 2.42 -14.56
CA LEU A 290 -9.25 2.12 -15.58
C LEU A 290 -9.89 1.45 -16.76
N PRO A 291 -9.41 1.76 -17.98
CA PRO A 291 -9.92 1.03 -19.13
C PRO A 291 -9.56 -0.44 -19.07
N ASN A 292 -10.50 -1.28 -19.47
CA ASN A 292 -10.26 -2.71 -19.50
C ASN A 292 -9.17 -3.03 -20.50
N PRO A 293 -8.35 -4.04 -20.22
CA PRO A 293 -7.29 -4.42 -21.17
C PRO A 293 -7.85 -4.80 -22.55
#